data_6NKI
#
_entry.id   6NKI
#
_cell.length_a   81.636
_cell.length_b   91.644
_cell.length_c   124.596
_cell.angle_alpha   90.000
_cell.angle_beta   90.000
_cell.angle_gamma   90.000
#
_symmetry.space_group_name_H-M   'I 2 2 2'
#
loop_
_entity.id
_entity.type
_entity.pdbx_description
1 polymer NRPS
2 non-polymer 'NADPH DIHYDRO-NICOTINAMIDE-ADENINE-DINUCLEOTIDE PHOSPHATE'
#
_entity_poly.entity_id   1
_entity_poly.type   'polypeptide(L)'
_entity_poly.pdbx_seq_one_letter_code
;QINDLPVCQSSRRTIHSRPSGKRLFLTGATGFLGTHILHQLLVDNDVSIVYVLARAPCPRKGLARIIQAARLARWWRNDY
RRLIQVWPGDLSQPHLGLADEHWETLSGTESSLNSSIGAVDAIIHCGAVIHWGYDYDTLEAANVRSTFDILQCLNRSPTP
IALTYISALIPGDAALATTDTDNHPSMSNGHAVFPPIELTDGYTQTKFASEQLIGAFSARHKAHSLTIVRPGFMIGPVSN
AVANGDDLLWRVVTTAMTTCSYNSDESDNWLFVAAVDWVASLIIHETLHARPSSHSVNDNANPLAPSAKAVSIGDGLNMS
DFWKAIMLGLGRDLIPSSSQRWMDTVEQQVNEVGTSHPLWPLMGFLRASGGCLGVAPTDPLPVPIYQPPSLTNMIRQAVV
RNAEYLASLEDLAASTMLFKRRNKVALGNGLINS
;
_entity_poly.pdbx_strand_id   A
#
# COMPACT_ATOMS: atom_id res chain seq x y z
N GLN A 1 -18.35 -15.94 -4.14
CA GLN A 1 -19.16 -16.16 -5.33
C GLN A 1 -20.28 -15.13 -5.44
N ILE A 2 -20.80 -14.67 -4.30
CA ILE A 2 -21.74 -13.57 -4.24
C ILE A 2 -21.06 -12.28 -3.79
N ASN A 3 -19.74 -12.19 -3.94
CA ASN A 3 -19.03 -10.95 -3.66
C ASN A 3 -19.56 -9.81 -4.51
N ASP A 4 -19.69 -10.05 -5.83
CA ASP A 4 -20.16 -9.02 -6.75
C ASP A 4 -21.63 -8.69 -6.56
N LEU A 5 -22.40 -9.61 -5.98
CA LEU A 5 -23.82 -9.31 -5.75
C LEU A 5 -23.98 -8.19 -4.74
N PRO A 6 -23.25 -8.26 -3.62
CA PRO A 6 -23.35 -7.22 -2.60
C PRO A 6 -22.88 -5.87 -3.13
N VAL A 7 -21.88 -5.87 -4.02
CA VAL A 7 -21.39 -4.63 -4.61
C VAL A 7 -22.24 -4.15 -5.77
N CYS A 8 -23.01 -5.03 -6.43
CA CYS A 8 -23.84 -4.59 -7.54
C CYS A 8 -24.86 -3.55 -7.08
N GLN A 9 -25.32 -3.67 -5.82
CA GLN A 9 -26.26 -2.71 -5.27
C GLN A 9 -25.61 -1.40 -4.86
N SER A 10 -24.28 -1.40 -4.70
CA SER A 10 -23.59 -0.15 -4.43
C SER A 10 -23.52 0.72 -5.67
N SER A 11 -23.34 0.11 -6.85
CA SER A 11 -23.34 0.86 -8.09
C SER A 11 -24.73 1.37 -8.43
N ARG A 12 -25.74 0.52 -8.28
CA ARG A 12 -27.11 0.98 -8.42
C ARG A 12 -27.39 2.11 -7.43
N ARG A 13 -26.86 2.00 -6.21
CA ARG A 13 -27.07 3.08 -5.24
C ARG A 13 -26.39 4.36 -5.71
N THR A 14 -25.29 4.26 -6.44
CA THR A 14 -24.63 5.44 -7.01
C THR A 14 -25.42 6.06 -8.16
N ILE A 15 -26.50 5.44 -8.62
CA ILE A 15 -27.36 6.08 -9.62
C ILE A 15 -28.20 7.21 -9.03
N HIS A 16 -28.13 7.44 -7.71
CA HIS A 16 -28.88 8.51 -7.09
C HIS A 16 -28.44 9.87 -7.66
N SER A 17 -29.43 10.66 -8.09
CA SER A 17 -29.16 11.89 -8.81
C SER A 17 -28.27 12.82 -7.98
N ARG A 18 -27.66 13.78 -8.67
CA ARG A 18 -26.56 14.51 -8.07
C ARG A 18 -26.25 15.73 -8.92
N PRO A 19 -25.36 16.56 -8.39
CA PRO A 19 -24.96 17.83 -9.00
C PRO A 19 -23.83 18.41 -8.16
N SER A 20 -23.29 19.54 -8.61
CA SER A 20 -22.30 20.27 -7.84
C SER A 20 -22.96 21.45 -7.13
N GLY A 21 -5.32 28.41 -0.44
CA GLY A 21 -4.57 27.23 -0.08
C GLY A 21 -5.34 25.94 -0.29
N LYS A 22 -4.71 24.81 0.03
CA LYS A 22 -5.27 23.48 -0.22
C LYS A 22 -5.48 22.74 1.10
N ARG A 23 -6.68 22.19 1.25
CA ARG A 23 -7.03 21.37 2.44
C ARG A 23 -7.43 19.99 1.91
N LEU A 24 -6.78 18.93 2.40
CA LEU A 24 -7.16 17.57 1.96
C LEU A 24 -7.17 16.60 3.13
N PHE A 25 -7.83 15.48 2.91
CA PHE A 25 -8.13 14.46 3.92
C PHE A 25 -7.46 13.15 3.56
N LEU A 26 -6.88 12.52 4.56
CA LEU A 26 -6.00 11.38 4.35
C LEU A 26 -6.31 10.29 5.37
N THR A 27 -6.48 9.07 4.89
CA THR A 27 -6.46 7.89 5.74
C THR A 27 -5.17 7.09 5.49
N GLY A 28 -4.74 6.34 6.51
CA GLY A 28 -3.60 5.46 6.31
C GLY A 28 -2.26 6.06 6.65
N ALA A 29 -2.25 7.21 7.34
CA ALA A 29 -1.02 7.93 7.61
C ALA A 29 -0.08 7.18 8.54
N THR A 30 -0.61 6.29 9.35
CA THR A 30 0.20 5.36 10.14
C THR A 30 0.85 4.32 9.26
N GLY A 31 0.30 4.09 8.07
CA GLY A 31 0.82 3.09 7.18
C GLY A 31 2.07 3.56 6.47
N PHE A 32 2.76 2.59 5.88
CA PHE A 32 4.11 2.84 5.38
C PHE A 32 4.10 3.87 4.24
N LEU A 33 3.42 3.53 3.14
CA LEU A 33 3.06 4.48 2.10
C LEU A 33 2.45 5.76 2.68
N GLY A 34 1.48 5.60 3.58
CA GLY A 34 0.70 6.74 4.03
C GLY A 34 1.52 7.79 4.74
N THR A 35 2.43 7.37 5.63
CA THR A 35 3.25 8.37 6.30
C THR A 35 4.10 9.14 5.31
N HIS A 36 4.44 8.54 4.16
CA HIS A 36 5.23 9.28 3.18
C HIS A 36 4.37 10.22 2.36
N ILE A 37 3.15 9.78 2.02
CA ILE A 37 2.19 10.71 1.46
C ILE A 37 2.02 11.89 2.40
N LEU A 38 1.90 11.61 3.70
CA LEU A 38 1.75 12.68 4.67
C LEU A 38 2.94 13.64 4.60
N HIS A 39 4.15 13.11 4.77
CA HIS A 39 5.40 13.88 4.62
C HIS A 39 5.38 14.77 3.39
N GLN A 40 5.04 14.21 2.23
CA GLN A 40 5.21 15.01 1.02
C GLN A 40 4.10 16.03 0.83
N LEU A 41 2.89 15.77 1.35
CA LEU A 41 1.88 16.84 1.36
C LEU A 41 2.35 18.03 2.18
N LEU A 42 2.71 17.79 3.43
CA LEU A 42 3.18 18.85 4.33
C LEU A 42 4.32 19.68 3.73
N VAL A 43 5.11 19.14 2.79
CA VAL A 43 6.17 20.00 2.26
C VAL A 43 5.68 20.83 1.08
N ASP A 44 4.71 20.33 0.30
CA ASP A 44 4.15 21.15 -0.77
C ASP A 44 3.58 22.44 -0.20
N ASN A 45 3.69 23.52 -0.99
CA ASN A 45 3.26 24.83 -0.51
C ASN A 45 1.77 25.06 -0.64
N ASP A 46 1.09 24.43 -1.60
CA ASP A 46 -0.33 24.71 -1.79
C ASP A 46 -1.17 24.18 -0.64
N VAL A 47 -0.79 23.04 -0.05
CA VAL A 47 -1.62 22.40 0.95
C VAL A 47 -1.60 23.23 2.23
N SER A 48 -2.80 23.54 2.74
CA SER A 48 -2.97 24.45 3.87
C SER A 48 -3.25 23.73 5.19
N ILE A 49 -3.73 22.49 5.15
CA ILE A 49 -4.00 21.70 6.34
C ILE A 49 -4.15 20.27 5.84
N VAL A 50 -3.84 19.27 6.67
CA VAL A 50 -4.16 17.89 6.31
C VAL A 50 -4.96 17.27 7.45
N TYR A 51 -6.07 16.61 7.10
CA TYR A 51 -6.85 15.83 8.05
C TYR A 51 -6.49 14.37 7.88
N VAL A 52 -6.16 13.70 8.98
CA VAL A 52 -5.74 12.30 8.92
C VAL A 52 -6.64 11.44 9.82
N LEU A 53 -7.24 10.41 9.20
CA LEU A 53 -7.91 9.35 9.92
C LEU A 53 -6.94 8.72 10.91
N ALA A 54 -7.39 8.56 12.13
CA ALA A 54 -6.61 7.87 13.15
C ALA A 54 -7.45 6.75 13.74
N ARG A 55 -6.96 5.51 13.59
CA ARG A 55 -7.64 4.35 14.15
C ARG A 55 -7.94 4.55 15.63
N ALA A 56 -7.01 5.13 16.37
CA ALA A 56 -7.17 5.28 17.80
C ALA A 56 -8.26 6.30 18.11
N PRO A 57 -9.06 6.07 19.17
CA PRO A 57 -10.26 6.91 19.41
C PRO A 57 -9.94 8.26 20.02
N CYS A 58 -9.04 8.29 20.99
CA CYS A 58 -8.55 9.55 21.53
C CYS A 58 -7.82 10.35 20.46
N PRO A 59 -8.07 11.65 20.31
CA PRO A 59 -7.45 12.38 19.19
C PRO A 59 -5.95 12.58 19.33
N ARG A 60 -5.45 12.79 20.56
CA ARG A 60 -4.01 12.93 20.75
C ARG A 60 -3.31 11.57 20.59
N LYS A 61 -3.95 10.49 21.05
CA LYS A 61 -3.41 9.16 20.78
C LYS A 61 -3.21 8.95 19.28
N GLY A 62 -4.17 9.41 18.48
CA GLY A 62 -4.00 9.37 17.04
C GLY A 62 -2.79 10.15 16.57
N LEU A 63 -2.63 11.38 17.06
CA LEU A 63 -1.44 12.15 16.71
C LEU A 63 -0.18 11.42 17.13
N ALA A 64 -0.16 10.88 18.34
CA ALA A 64 1.01 10.16 18.82
C ALA A 64 1.39 9.02 17.88
N ARG A 65 0.40 8.27 17.41
CA ARG A 65 0.67 7.14 16.52
C ARG A 65 1.16 7.58 15.15
N ILE A 66 0.79 8.79 14.71
CA ILE A 66 1.27 9.28 13.43
C ILE A 66 2.57 10.07 13.57
N ILE A 67 2.91 10.52 14.78
CA ILE A 67 4.28 10.92 15.03
C ILE A 67 5.20 9.70 14.95
N GLN A 68 4.81 8.60 15.62
CA GLN A 68 5.72 7.46 15.71
C GLN A 68 5.94 6.83 14.35
N ALA A 69 4.95 6.92 13.47
CA ALA A 69 5.15 6.45 12.10
C ALA A 69 6.09 7.39 11.34
N ALA A 70 6.13 8.65 11.74
CA ALA A 70 6.92 9.69 11.10
C ALA A 70 8.28 9.87 11.74
N ARG A 71 8.47 9.34 12.95
CA ARG A 71 9.81 9.18 13.47
C ARG A 71 10.43 7.89 12.97
N LEU A 72 9.59 6.87 12.75
CA LEU A 72 10.07 5.60 12.23
C LEU A 72 10.64 5.77 10.82
N ALA A 73 10.00 6.58 9.99
CA ALA A 73 10.53 6.88 8.65
C ALA A 73 11.44 8.09 8.65
N ARG A 74 11.69 8.69 9.81
CA ARG A 74 12.74 9.70 9.96
C ARG A 74 12.48 10.92 9.07
N TRP A 75 11.21 11.31 8.96
CA TRP A 75 10.87 12.58 8.32
C TRP A 75 10.30 13.59 9.30
N TRP A 76 10.03 13.18 10.54
CA TRP A 76 9.20 13.99 11.43
C TRP A 76 9.97 15.19 11.97
N ARG A 77 9.28 16.34 11.99
CA ARG A 77 9.72 17.58 12.62
C ARG A 77 8.53 18.15 13.39
N ASN A 78 8.77 18.68 14.59
CA ASN A 78 7.66 19.17 15.40
C ASN A 78 6.98 20.37 14.76
N ASP A 79 7.69 21.11 13.91
CA ASP A 79 7.11 22.20 13.14
C ASP A 79 5.86 21.77 12.38
N TYR A 80 5.73 20.47 12.11
CA TYR A 80 4.65 19.98 11.28
C TYR A 80 3.36 19.76 12.04
N ARG A 81 3.36 19.91 13.36
CA ARG A 81 2.10 19.81 14.09
C ARG A 81 1.10 20.86 13.60
N ARG A 82 1.58 22.06 13.23
CA ARG A 82 0.66 23.17 12.97
C ARG A 82 -0.13 23.02 11.67
N LEU A 83 0.16 22.00 10.87
CA LEU A 83 -0.53 21.73 9.61
C LEU A 83 -1.46 20.53 9.69
N ILE A 84 -1.53 19.85 10.82
CA ILE A 84 -2.14 18.55 10.91
C ILE A 84 -3.34 18.61 11.86
N GLN A 85 -4.45 18.02 11.45
CA GLN A 85 -5.59 17.83 12.32
C GLN A 85 -6.01 16.36 12.25
N VAL A 86 -6.21 15.76 13.41
CA VAL A 86 -6.47 14.34 13.50
C VAL A 86 -7.97 14.14 13.71
N TRP A 87 -8.57 13.27 12.91
CA TRP A 87 -9.97 12.90 13.08
C TRP A 87 -10.08 11.46 13.53
N PRO A 88 -10.50 11.20 14.76
CA PRO A 88 -10.75 9.83 15.19
C PRO A 88 -11.77 9.14 14.29
N GLY A 89 -11.51 7.89 13.97
CA GLY A 89 -12.38 7.17 13.05
C GLY A 89 -11.98 5.73 12.91
N ASP A 90 -12.62 5.06 11.95
CA ASP A 90 -12.46 3.65 11.73
C ASP A 90 -13.16 3.28 10.43
N LEU A 91 -12.39 2.75 9.49
CA LEU A 91 -12.90 2.41 8.17
C LEU A 91 -14.11 1.49 8.28
N SER A 92 -14.13 0.63 9.29
CA SER A 92 -15.20 -0.37 9.42
C SER A 92 -16.55 0.31 9.65
N GLN A 93 -16.58 1.28 10.56
CA GLN A 93 -17.85 1.88 10.96
C GLN A 93 -18.45 2.71 9.82
N PRO A 94 -19.75 2.96 9.87
CA PRO A 94 -20.34 3.87 8.90
C PRO A 94 -19.76 5.26 9.05
N HIS A 95 -19.58 5.91 7.89
CA HIS A 95 -19.07 7.30 7.89
C HIS A 95 -17.59 7.31 8.28
N LEU A 96 -16.95 6.13 8.20
CA LEU A 96 -15.51 5.83 8.51
C LEU A 96 -15.24 5.91 10.02
N GLY A 97 -16.28 5.89 10.85
CA GLY A 97 -16.14 6.04 12.30
C GLY A 97 -16.07 7.50 12.69
N LEU A 98 -16.35 8.40 11.75
CA LEU A 98 -16.27 9.86 12.02
C LEU A 98 -17.54 10.42 12.65
N ALA A 99 -17.38 11.57 13.30
CA ALA A 99 -18.49 12.33 13.91
C ALA A 99 -19.23 13.10 12.81
N ASP A 100 -20.45 13.55 13.06
CA ASP A 100 -21.23 14.30 12.03
C ASP A 100 -20.47 15.59 11.67
N GLU A 101 -19.89 16.25 12.67
CA GLU A 101 -19.14 17.52 12.51
C GLU A 101 -17.96 17.30 11.56
N HIS A 102 -17.28 16.15 11.66
CA HIS A 102 -16.11 15.83 10.81
C HIS A 102 -16.46 15.68 9.32
N TRP A 103 -17.71 15.37 8.96
CA TRP A 103 -18.01 15.19 7.52
C TRP A 103 -17.69 16.48 6.76
N GLU A 104 -17.98 17.61 7.39
CA GLU A 104 -17.52 18.92 6.86
C GLU A 104 -17.69 19.02 5.33
N THR A 105 -18.78 18.50 4.79
CA THR A 105 -19.09 18.72 3.37
C THR A 105 -20.40 19.49 3.20
N LEU A 106 -20.73 20.34 4.17
CA LEU A 106 -21.83 21.28 4.03
C LEU A 106 -21.31 22.59 3.48
N ALA A 119 -13.52 23.82 4.08
CA ALA A 119 -13.90 22.86 3.06
C ALA A 119 -12.73 21.94 2.75
N VAL A 120 -13.00 20.88 1.98
CA VAL A 120 -12.02 19.83 1.68
C VAL A 120 -11.75 19.83 0.18
N ASP A 121 -10.48 19.98 -0.19
CA ASP A 121 -10.10 20.13 -1.59
C ASP A 121 -9.77 18.80 -2.27
N ALA A 122 -9.40 17.77 -1.51
CA ALA A 122 -9.01 16.50 -2.12
C ALA A 122 -8.87 15.44 -1.05
N ILE A 123 -9.09 14.19 -1.43
CA ILE A 123 -8.86 13.13 -0.46
C ILE A 123 -8.09 12.01 -1.12
N ILE A 124 -7.23 11.38 -0.33
CA ILE A 124 -6.49 10.20 -0.75
C ILE A 124 -6.90 9.07 0.17
N HIS A 125 -7.51 8.04 -0.39
CA HIS A 125 -7.90 6.90 0.41
C HIS A 125 -6.80 5.86 0.31
N CYS A 126 -5.90 5.88 1.31
CA CYS A 126 -4.76 4.97 1.44
C CYS A 126 -4.95 3.93 2.54
N GLY A 127 -5.71 4.25 3.59
CA GLY A 127 -6.08 3.31 4.62
C GLY A 127 -6.74 2.03 4.13
N ALA A 128 -6.22 0.89 4.60
CA ALA A 128 -6.74 -0.43 4.30
C ALA A 128 -6.52 -1.30 5.52
N VAL A 129 -6.80 -2.60 5.41
CA VAL A 129 -6.65 -3.45 6.58
C VAL A 129 -5.20 -3.88 6.77
N ILE A 130 -4.56 -4.43 5.74
CA ILE A 130 -3.11 -4.57 5.74
C ILE A 130 -2.53 -4.24 4.36
N ASP A 135 -10.12 -12.56 4.33
CA ASP A 135 -11.58 -12.74 4.17
C ASP A 135 -12.32 -11.52 3.67
N TYR A 136 -13.16 -11.71 2.64
CA TYR A 136 -13.75 -10.58 1.95
C TYR A 136 -14.80 -9.84 2.77
N ASP A 137 -15.71 -10.57 3.42
CA ASP A 137 -16.87 -9.90 4.03
C ASP A 137 -16.49 -9.07 5.25
N THR A 138 -15.33 -9.32 5.86
CA THR A 138 -14.90 -8.54 7.01
C THR A 138 -14.13 -7.29 6.59
N LEU A 139 -13.34 -7.39 5.53
CA LEU A 139 -12.65 -6.23 5.00
C LEU A 139 -13.59 -5.29 4.25
N GLU A 140 -14.80 -5.76 3.95
CA GLU A 140 -15.72 -5.05 3.07
C GLU A 140 -16.09 -3.69 3.65
N ALA A 141 -16.57 -3.67 4.88
CA ALA A 141 -16.91 -2.40 5.51
C ALA A 141 -15.69 -1.50 5.65
N ALA A 142 -14.56 -2.08 6.04
CA ALA A 142 -13.38 -1.26 6.29
C ALA A 142 -12.77 -0.77 5.00
N ASN A 143 -12.71 -1.62 3.97
CA ASN A 143 -12.15 -1.19 2.70
C ASN A 143 -13.21 -0.57 1.80
N VAL A 144 -14.29 -1.30 1.52
CA VAL A 144 -15.16 -0.90 0.42
C VAL A 144 -16.30 0.03 0.85
N ARG A 145 -16.82 -0.11 2.07
CA ARG A 145 -17.85 0.81 2.56
C ARG A 145 -17.29 2.21 2.71
N SER A 146 -16.10 2.30 3.29
CA SER A 146 -15.30 3.51 3.34
C SER A 146 -15.26 4.18 1.96
N THR A 147 -15.05 3.38 0.91
CA THR A 147 -15.02 3.92 -0.44
C THR A 147 -16.39 4.42 -0.84
N PHE A 148 -17.44 3.64 -0.52
CA PHE A 148 -18.81 4.04 -0.79
C PHE A 148 -19.15 5.32 -0.03
N ASP A 149 -18.81 5.37 1.25
CA ASP A 149 -19.02 6.60 2.03
C ASP A 149 -18.35 7.79 1.35
N ILE A 150 -17.17 7.56 0.74
CA ILE A 150 -16.33 8.63 0.18
C ILE A 150 -16.95 9.26 -1.07
N LEU A 151 -17.51 8.45 -1.97
CA LEU A 151 -18.20 9.04 -3.12
C LEU A 151 -19.44 9.81 -2.69
N GLN A 152 -20.17 9.30 -1.69
CA GLN A 152 -21.22 10.10 -1.07
C GLN A 152 -20.69 11.47 -0.69
N CYS A 153 -19.46 11.51 -0.20
CA CYS A 153 -18.95 12.73 0.39
C CYS A 153 -18.61 13.75 -0.69
N LEU A 154 -17.95 13.32 -1.77
CA LEU A 154 -17.74 14.19 -2.92
C LEU A 154 -19.05 14.76 -3.44
N ASN A 155 -20.05 13.89 -3.60
CA ASN A 155 -21.32 14.28 -4.22
C ASN A 155 -21.97 15.45 -3.48
N ARG A 156 -22.03 15.36 -2.15
CA ARG A 156 -22.76 16.34 -1.36
C ARG A 156 -22.00 17.65 -1.18
N SER A 157 -20.71 17.65 -1.47
CA SER A 157 -19.85 18.86 -1.32
C SER A 157 -20.22 19.94 -2.34
N PRO A 158 -20.25 21.22 -1.95
CA PRO A 158 -20.55 22.30 -2.89
C PRO A 158 -19.50 22.42 -3.99
N THR A 159 -18.22 22.35 -3.60
CA THR A 159 -17.07 22.48 -4.54
C THR A 159 -16.52 21.09 -4.79
N PRO A 160 -15.98 20.80 -5.99
CA PRO A 160 -15.47 19.46 -6.33
C PRO A 160 -14.26 19.08 -5.46
N ILE A 161 -14.12 17.78 -5.20
CA ILE A 161 -13.07 17.22 -4.35
C ILE A 161 -12.35 16.14 -5.15
N ALA A 162 -11.05 16.30 -5.34
CA ALA A 162 -10.26 15.27 -6.00
C ALA A 162 -10.15 14.01 -5.12
N LEU A 163 -10.42 12.85 -5.73
CA LEU A 163 -10.22 11.56 -5.10
C LEU A 163 -9.09 10.79 -5.78
N THR A 164 -8.26 10.13 -4.99
CA THR A 164 -7.23 9.21 -5.51
C THR A 164 -7.23 7.98 -4.63
N TYR A 165 -7.41 6.83 -5.25
CA TYR A 165 -7.55 5.58 -4.51
C TYR A 165 -6.38 4.68 -4.81
N ILE A 166 -5.82 4.11 -3.75
CA ILE A 166 -4.67 3.17 -3.84
C ILE A 166 -5.21 1.75 -3.85
N SER A 167 -5.01 1.05 -4.96
CA SER A 167 -5.50 -0.34 -5.12
C SER A 167 -4.32 -1.23 -5.55
N ALA A 168 -4.42 -2.52 -5.32
CA ALA A 168 -3.35 -3.48 -5.69
C ALA A 168 -3.43 -3.82 -7.18
N LEU A 169 -2.37 -4.44 -7.71
CA LEU A 169 -2.30 -4.86 -9.13
C LEU A 169 -3.34 -5.95 -9.36
N ILE A 170 -3.94 -5.99 -10.56
CA ILE A 170 -5.01 -6.94 -10.86
C ILE A 170 -4.68 -7.58 -12.21
N PRO A 171 -4.81 -8.90 -12.36
CA PRO A 171 -4.60 -9.51 -13.69
C PRO A 171 -5.48 -8.92 -14.79
N GLY A 172 -6.75 -8.66 -14.52
CA GLY A 172 -7.59 -8.00 -15.49
C GLY A 172 -7.43 -6.49 -15.47
N PRO A 196 -17.00 -10.27 -14.20
CA PRO A 196 -15.72 -9.89 -13.60
C PRO A 196 -14.56 -10.74 -14.11
N ILE A 197 -13.58 -10.99 -13.24
CA ILE A 197 -12.40 -11.79 -13.54
C ILE A 197 -12.00 -12.51 -12.26
N GLU A 198 -11.37 -13.68 -12.44
CA GLU A 198 -10.84 -14.43 -11.30
C GLU A 198 -9.96 -13.58 -10.40
N LEU A 199 -10.18 -13.71 -9.09
CA LEU A 199 -9.35 -13.09 -8.07
C LEU A 199 -9.43 -13.98 -6.83
N THR A 200 -8.28 -14.54 -6.42
CA THR A 200 -8.27 -15.51 -5.32
C THR A 200 -8.64 -14.86 -4.00
N ASP A 201 -7.86 -13.87 -3.58
CA ASP A 201 -7.92 -13.33 -2.23
C ASP A 201 -8.98 -12.24 -2.11
N GLY A 202 -9.72 -12.26 -1.01
CA GLY A 202 -10.68 -11.20 -0.75
C GLY A 202 -10.02 -9.85 -0.60
N TYR A 203 -8.83 -9.80 0.00
CA TYR A 203 -8.12 -8.53 0.10
C TYR A 203 -7.91 -7.91 -1.28
N THR A 204 -7.18 -8.61 -2.15
CA THR A 204 -7.08 -8.19 -3.55
C THR A 204 -8.45 -8.05 -4.20
N GLN A 205 -9.45 -8.77 -3.70
CA GLN A 205 -10.82 -8.67 -4.21
C GLN A 205 -11.56 -7.48 -3.60
N THR A 206 -11.09 -6.96 -2.45
CA THR A 206 -11.67 -5.74 -1.89
C THR A 206 -11.17 -4.51 -2.63
N LYS A 207 -9.85 -4.39 -2.80
CA LYS A 207 -9.28 -3.25 -3.51
C LYS A 207 -9.90 -3.13 -4.90
N PHE A 208 -9.90 -4.24 -5.64
CA PHE A 208 -10.63 -4.30 -6.90
C PHE A 208 -12.09 -3.93 -6.69
N ALA A 209 -12.71 -4.44 -5.63
CA ALA A 209 -14.12 -4.15 -5.38
C ALA A 209 -14.36 -2.65 -5.27
N SER A 210 -13.52 -1.96 -4.48
CA SER A 210 -13.61 -0.50 -4.41
C SER A 210 -13.24 0.14 -5.75
N GLU A 211 -12.43 -0.55 -6.54
CA GLU A 211 -11.98 0.00 -7.81
C GLU A 211 -13.09 -0.02 -8.85
N GLN A 212 -13.78 -1.17 -8.99
CA GLN A 212 -14.89 -1.27 -9.94
C GLN A 212 -16.06 -0.39 -9.54
N LEU A 213 -16.14 -0.04 -8.26
CA LEU A 213 -17.09 0.95 -7.79
C LEU A 213 -16.76 2.35 -8.34
N ILE A 214 -15.48 2.73 -8.32
CA ILE A 214 -15.04 4.05 -8.82
C ILE A 214 -15.60 4.32 -10.20
N GLY A 215 -15.57 3.32 -11.08
CA GLY A 215 -15.89 3.56 -12.48
C GLY A 215 -17.32 4.02 -12.71
N ALA A 216 -18.29 3.38 -12.05
CA ALA A 216 -19.68 3.79 -12.20
C ALA A 216 -19.85 5.24 -11.81
N PHE A 217 -19.13 5.70 -10.79
CA PHE A 217 -19.22 7.10 -10.43
C PHE A 217 -18.64 8.00 -11.52
N SER A 218 -17.50 7.61 -12.10
CA SER A 218 -16.85 8.45 -13.11
C SER A 218 -17.71 8.61 -14.35
N ALA A 219 -18.11 7.49 -14.97
CA ALA A 219 -18.93 7.57 -16.17
C ALA A 219 -20.17 8.43 -15.99
N ARG A 220 -20.53 8.77 -14.75
CA ARG A 220 -21.70 9.57 -14.46
C ARG A 220 -21.40 10.90 -13.76
N HIS A 221 -20.20 11.07 -13.18
CA HIS A 221 -19.85 12.31 -12.45
C HIS A 221 -18.53 12.87 -12.98
N LYS A 222 -18.62 13.53 -14.13
CA LYS A 222 -17.48 14.10 -14.83
C LYS A 222 -16.86 15.31 -14.13
N ALA A 223 -17.41 15.76 -13.00
CA ALA A 223 -16.96 16.98 -12.33
C ALA A 223 -15.96 16.74 -11.22
N HIS A 224 -15.58 15.49 -10.95
CA HIS A 224 -14.58 15.17 -9.95
C HIS A 224 -13.39 14.53 -10.63
N SER A 225 -12.21 15.09 -10.40
CA SER A 225 -11.00 14.47 -10.92
C SER A 225 -10.66 13.30 -10.01
N LEU A 226 -10.73 12.09 -10.56
CA LEU A 226 -10.56 10.88 -9.75
C LEU A 226 -9.56 9.95 -10.42
N THR A 227 -8.63 9.40 -9.62
CA THR A 227 -7.58 8.50 -10.13
C THR A 227 -7.34 7.32 -9.19
N ILE A 228 -6.90 6.22 -9.80
CA ILE A 228 -6.53 5.00 -9.09
C ILE A 228 -5.06 4.66 -9.37
N VAL A 229 -4.32 4.31 -8.32
CA VAL A 229 -2.90 3.98 -8.39
C VAL A 229 -2.70 2.59 -7.78
N ARG A 230 -2.24 1.64 -8.60
CA ARG A 230 -2.07 0.26 -8.16
C ARG A 230 -0.59 -0.08 -7.96
N PRO A 231 -0.11 -0.13 -6.72
CA PRO A 231 1.31 -0.44 -6.49
C PRO A 231 1.54 -1.89 -6.05
N GLY A 232 2.81 -2.30 -6.00
CA GLY A 232 3.16 -3.61 -5.49
C GLY A 232 3.94 -3.49 -4.20
N PHE A 233 4.96 -4.33 -4.02
CA PHE A 233 5.83 -4.18 -2.86
C PHE A 233 6.46 -2.79 -2.88
N MET A 234 6.55 -2.19 -1.71
CA MET A 234 7.14 -0.84 -1.59
C MET A 234 8.25 -0.90 -0.55
N ILE A 235 9.46 -0.50 -0.92
CA ILE A 235 10.59 -0.57 0.05
C ILE A 235 11.05 0.85 0.34
N GLY A 236 11.70 1.04 1.48
CA GLY A 236 12.12 2.35 1.97
C GLY A 236 13.04 3.08 1.02
N PRO A 237 12.98 4.42 0.99
CA PRO A 237 13.84 5.21 0.10
C PRO A 237 15.30 4.92 0.41
N VAL A 238 16.13 5.15 -0.59
CA VAL A 238 17.56 4.92 -0.47
C VAL A 238 18.14 5.75 0.67
N SER A 239 17.67 6.98 0.77
CA SER A 239 18.19 7.98 1.74
C SER A 239 17.96 7.59 3.21
N ASN A 240 16.77 7.11 3.55
CA ASN A 240 16.49 6.71 4.95
C ASN A 240 15.94 5.29 4.87
N ALA A 241 16.82 4.35 4.54
CA ALA A 241 16.38 2.95 4.33
C ALA A 241 16.32 2.20 5.65
N VAL A 242 15.09 1.83 6.02
CA VAL A 242 14.78 0.93 7.12
C VAL A 242 13.61 0.07 6.66
N ALA A 243 13.86 -1.22 6.47
CA ALA A 243 12.83 -2.12 5.99
C ALA A 243 11.76 -2.26 7.06
N ASN A 244 10.51 -2.00 6.67
CA ASN A 244 9.40 -2.10 7.66
C ASN A 244 9.36 -3.55 8.12
N GLY A 245 9.27 -3.76 9.43
CA GLY A 245 9.34 -5.08 10.07
C GLY A 245 8.22 -6.04 9.69
N ASP A 246 7.06 -5.54 9.26
CA ASP A 246 5.93 -6.47 8.97
C ASP A 246 5.62 -6.54 7.48
N ASP A 247 6.64 -6.52 6.62
CA ASP A 247 6.38 -6.60 5.16
C ASP A 247 6.64 -8.02 4.65
N LEU A 248 5.67 -8.62 3.98
CA LEU A 248 5.92 -9.95 3.41
C LEU A 248 7.34 -10.07 2.89
N LEU A 249 7.78 -9.09 2.11
CA LEU A 249 9.07 -9.14 1.45
C LEU A 249 10.19 -9.37 2.45
N TRP A 250 10.30 -8.47 3.44
CA TRP A 250 11.43 -8.52 4.37
C TRP A 250 11.31 -9.67 5.36
N ARG A 251 10.10 -10.15 5.60
CA ARG A 251 9.92 -11.33 6.45
C ARG A 251 10.51 -12.58 5.78
N VAL A 252 10.39 -12.66 4.45
CA VAL A 252 11.02 -13.74 3.69
C VAL A 252 12.53 -13.54 3.62
N VAL A 253 12.96 -12.29 3.54
CA VAL A 253 14.40 -12.01 3.54
C VAL A 253 14.99 -12.29 4.91
N THR A 254 14.25 -12.04 5.98
CA THR A 254 14.83 -12.18 7.32
C THR A 254 14.97 -13.65 7.73
N THR A 255 14.11 -14.53 7.20
CA THR A 255 14.24 -15.94 7.51
C THR A 255 15.21 -16.62 6.54
N ALA A 256 15.37 -16.04 5.35
CA ALA A 256 16.40 -16.51 4.45
C ALA A 256 17.78 -16.26 5.04
N MET A 257 17.90 -15.20 5.83
CA MET A 257 19.14 -14.91 6.55
C MET A 257 19.49 -15.98 7.57
N THR A 258 18.49 -16.45 8.33
CA THR A 258 18.74 -17.43 9.38
C THR A 258 18.89 -18.83 8.80
N THR A 259 18.20 -19.10 7.70
CA THR A 259 18.34 -20.34 6.95
C THR A 259 19.63 -20.38 6.12
N CYS A 260 20.19 -19.21 5.77
CA CYS A 260 21.40 -19.12 4.94
C CYS A 260 21.18 -19.76 3.57
N SER A 261 19.93 -19.83 3.14
CA SER A 261 19.59 -20.25 1.79
C SER A 261 18.37 -19.45 1.31
N TYR A 262 18.01 -19.64 0.04
CA TYR A 262 16.89 -18.95 -0.55
C TYR A 262 16.36 -19.79 -1.71
N ASN A 263 15.18 -19.40 -2.21
CA ASN A 263 14.59 -20.06 -3.37
C ASN A 263 15.18 -19.45 -4.65
N SER A 264 15.83 -20.30 -5.45
CA SER A 264 16.52 -19.86 -6.65
C SER A 264 15.88 -20.37 -7.94
N ASP A 265 14.73 -21.02 -7.86
CA ASP A 265 14.13 -21.62 -9.04
C ASP A 265 13.27 -20.65 -9.83
N GLU A 266 13.21 -19.39 -9.42
CA GLU A 266 12.41 -18.39 -10.10
C GLU A 266 13.24 -17.16 -10.46
N SER A 267 14.52 -17.35 -10.76
CA SER A 267 15.40 -16.21 -11.03
C SER A 267 14.90 -15.36 -12.20
N ASP A 268 14.22 -15.97 -13.16
CA ASP A 268 13.72 -15.21 -14.31
C ASP A 268 12.34 -14.62 -14.06
N ASN A 269 11.72 -14.87 -12.91
CA ASN A 269 10.45 -14.22 -12.61
C ASN A 269 10.65 -12.76 -12.25
N TRP A 270 9.54 -12.03 -12.28
CA TRP A 270 9.52 -10.59 -12.04
C TRP A 270 8.90 -10.28 -10.68
N LEU A 271 9.53 -9.35 -9.96
CA LEU A 271 9.13 -8.91 -8.63
C LEU A 271 8.72 -7.44 -8.67
N PHE A 272 7.47 -7.13 -8.27
CA PHE A 272 6.98 -5.76 -8.29
C PHE A 272 7.36 -5.07 -6.98
N VAL A 273 8.40 -4.24 -7.02
CA VAL A 273 8.83 -3.47 -5.87
C VAL A 273 9.31 -2.08 -6.31
N ALA A 274 9.08 -1.09 -5.44
CA ALA A 274 9.32 0.32 -5.76
C ALA A 274 9.67 1.08 -4.50
N ALA A 275 10.49 2.11 -4.64
CA ALA A 275 10.71 2.92 -3.47
C ALA A 275 9.44 3.70 -3.22
N VAL A 276 9.17 3.89 -1.93
CA VAL A 276 7.92 4.52 -1.42
C VAL A 276 7.81 5.97 -1.87
N ASP A 277 8.89 6.74 -1.81
CA ASP A 277 8.81 8.18 -2.18
C ASP A 277 8.37 8.34 -3.63
N TRP A 278 8.84 7.49 -4.53
CA TRP A 278 8.44 7.64 -5.95
C TRP A 278 6.93 7.45 -6.12
N VAL A 279 6.32 6.49 -5.43
CA VAL A 279 4.91 6.25 -5.63
C VAL A 279 4.10 7.27 -4.84
N ALA A 280 4.59 7.61 -3.64
CA ALA A 280 4.08 8.75 -2.91
C ALA A 280 4.04 10.00 -3.78
N SER A 281 5.20 10.39 -4.33
CA SER A 281 5.29 11.56 -5.21
C SER A 281 4.30 11.45 -6.35
N LEU A 282 4.20 10.27 -6.94
CA LEU A 282 3.28 10.06 -8.05
C LEU A 282 1.82 10.14 -7.61
N ILE A 283 1.50 9.92 -6.34
CA ILE A 283 0.12 10.01 -5.90
C ILE A 283 -0.28 11.46 -5.73
N ILE A 284 0.59 12.23 -5.08
CA ILE A 284 0.33 13.67 -4.82
C ILE A 284 0.21 14.42 -6.15
N HIS A 285 1.08 14.15 -7.12
CA HIS A 285 0.95 14.91 -8.39
C HIS A 285 -0.39 14.58 -9.05
N GLU A 286 -0.77 13.31 -9.03
CA GLU A 286 -2.04 12.88 -9.68
C GLU A 286 -3.23 13.54 -8.98
N THR A 287 -3.20 13.66 -7.66
CA THR A 287 -4.37 14.27 -6.97
C THR A 287 -4.22 15.79 -6.85
N LEU A 288 -3.10 16.38 -7.24
CA LEU A 288 -3.00 17.85 -7.03
C LEU A 288 -2.67 18.65 -8.30
N HIS A 289 -1.85 18.12 -9.21
CA HIS A 289 -1.45 18.97 -10.35
C HIS A 289 -1.65 18.31 -11.72
N ALA A 290 -2.47 17.29 -11.84
CA ALA A 290 -2.61 16.70 -13.18
C ALA A 290 -4.03 16.88 -13.69
N ARG A 291 -4.17 17.50 -14.85
CA ARG A 291 -5.49 17.71 -15.45
C ARG A 291 -6.43 18.48 -14.51
N LYS A 309 -6.65 7.71 -15.01
CA LYS A 309 -7.55 7.11 -14.03
C LYS A 309 -6.87 5.96 -13.27
N ALA A 310 -6.36 4.97 -14.00
CA ALA A 310 -5.64 3.86 -13.37
C ALA A 310 -4.19 3.82 -13.89
N VAL A 311 -3.25 4.05 -12.98
CA VAL A 311 -1.83 3.82 -13.27
C VAL A 311 -1.35 2.63 -12.45
N SER A 312 -0.75 1.66 -13.14
CA SER A 312 -0.08 0.53 -12.50
C SER A 312 1.40 0.83 -12.34
N ILE A 313 1.98 0.32 -11.27
CA ILE A 313 3.39 0.49 -10.96
C ILE A 313 4.09 -0.81 -11.33
N GLY A 314 4.57 -0.91 -12.56
CA GLY A 314 5.38 -2.05 -12.99
C GLY A 314 6.78 -2.11 -12.42
N ASP A 315 7.19 -1.15 -11.57
CA ASP A 315 8.58 -1.06 -11.12
C ASP A 315 9.05 -2.36 -10.45
N GLY A 316 10.28 -2.77 -10.75
CA GLY A 316 10.78 -3.92 -10.01
C GLY A 316 12.00 -4.55 -10.66
N LEU A 317 12.19 -5.84 -10.36
CA LEU A 317 13.45 -6.53 -10.58
C LEU A 317 13.20 -7.97 -11.02
N ASN A 318 14.18 -8.54 -11.72
CA ASN A 318 14.26 -9.99 -11.80
C ASN A 318 14.56 -10.53 -10.41
N MET A 319 14.02 -11.71 -10.11
CA MET A 319 14.32 -12.30 -8.81
C MET A 319 15.81 -12.61 -8.64
N SER A 320 16.51 -13.04 -9.71
CA SER A 320 17.95 -13.20 -9.61
C SER A 320 18.64 -11.87 -9.30
N ASP A 321 18.19 -10.78 -9.92
CA ASP A 321 18.77 -9.48 -9.64
C ASP A 321 18.47 -9.05 -8.21
N PHE A 322 17.25 -9.35 -7.75
CA PHE A 322 16.87 -9.01 -6.37
C PHE A 322 17.78 -9.70 -5.36
N TRP A 323 17.91 -11.03 -5.45
CA TRP A 323 18.69 -11.74 -4.43
C TRP A 323 20.18 -11.41 -4.47
N LYS A 324 20.76 -11.17 -5.66
CA LYS A 324 22.17 -10.82 -5.63
C LYS A 324 22.38 -9.49 -4.97
N ALA A 325 21.33 -8.67 -4.88
CA ALA A 325 21.40 -7.40 -4.17
C ALA A 325 21.26 -7.58 -2.67
N ILE A 326 20.32 -8.45 -2.25
CA ILE A 326 20.27 -8.90 -0.87
C ILE A 326 21.65 -9.36 -0.40
N MET A 327 22.25 -10.31 -1.12
CA MET A 327 23.53 -10.85 -0.66
C MET A 327 24.63 -9.80 -0.68
N LEU A 328 24.58 -8.88 -1.66
CA LEU A 328 25.54 -7.79 -1.70
C LEU A 328 25.44 -6.91 -0.46
N GLY A 329 24.21 -6.65 0.01
CA GLY A 329 24.02 -5.84 1.20
C GLY A 329 24.27 -6.61 2.48
N LEU A 330 23.81 -7.86 2.54
CA LEU A 330 24.15 -8.69 3.70
C LEU A 330 25.66 -8.92 3.78
N GLY A 331 26.37 -8.79 2.67
CA GLY A 331 27.79 -9.02 2.69
C GLY A 331 28.18 -10.47 2.84
N ARG A 332 27.32 -11.38 2.43
CA ARG A 332 27.58 -12.80 2.58
C ARG A 332 26.74 -13.54 1.55
N ASP A 333 27.19 -14.73 1.19
CA ASP A 333 26.46 -15.50 0.19
C ASP A 333 25.46 -16.44 0.85
N LEU A 334 24.36 -16.68 0.13
CA LEU A 334 23.22 -17.51 0.60
C LEU A 334 23.17 -18.77 -0.27
N ILE A 335 22.88 -19.91 0.35
CA ILE A 335 22.82 -21.16 -0.46
C ILE A 335 21.64 -21.02 -1.41
N PRO A 336 21.81 -21.23 -2.72
CA PRO A 336 20.69 -21.17 -3.64
C PRO A 336 19.95 -22.49 -3.63
N SER A 337 18.99 -22.61 -2.71
CA SER A 337 18.15 -23.83 -2.55
C SER A 337 17.04 -23.86 -3.59
N SER A 338 16.39 -25.01 -3.76
CA SER A 338 15.26 -25.13 -4.66
C SER A 338 14.00 -24.61 -3.97
N SER A 339 12.92 -24.52 -4.74
CA SER A 339 11.65 -24.15 -4.13
C SER A 339 11.16 -25.22 -3.17
N GLN A 340 11.36 -26.50 -3.51
CA GLN A 340 10.96 -27.56 -2.58
C GLN A 340 11.91 -27.63 -1.39
N ARG A 341 13.21 -27.46 -1.61
CA ARG A 341 14.14 -27.46 -0.48
C ARG A 341 13.81 -26.36 0.51
N TRP A 342 13.62 -25.14 0.00
CA TRP A 342 13.51 -23.98 0.87
C TRP A 342 12.16 -23.96 1.60
N MET A 343 11.08 -24.32 0.91
CA MET A 343 9.80 -24.43 1.60
C MET A 343 9.82 -25.55 2.62
N ASP A 344 10.35 -26.72 2.24
CA ASP A 344 10.57 -27.80 3.19
C ASP A 344 11.40 -27.32 4.37
N THR A 345 12.49 -26.60 4.08
CA THR A 345 13.35 -26.12 5.20
C THR A 345 12.58 -25.12 6.06
N VAL A 346 11.85 -24.23 5.41
CA VAL A 346 11.12 -23.13 6.09
C VAL A 346 10.04 -23.70 7.02
N GLU A 347 9.29 -24.71 6.59
CA GLU A 347 8.21 -25.22 7.47
C GLU A 347 8.81 -25.77 8.77
N GLN A 348 9.89 -26.54 8.65
CA GLN A 348 10.50 -27.12 9.86
C GLN A 348 11.01 -25.97 10.74
N GLN A 349 11.64 -24.98 10.12
CA GLN A 349 12.19 -23.86 10.93
C GLN A 349 11.07 -23.13 11.68
N VAL A 350 9.94 -22.85 11.02
CA VAL A 350 8.84 -22.08 11.68
C VAL A 350 8.09 -22.91 12.72
N ASN A 351 8.04 -24.23 12.57
CA ASN A 351 7.18 -25.04 13.48
C ASN A 351 7.57 -24.95 14.97
N GLU A 352 8.85 -24.82 15.28
CA GLU A 352 9.33 -24.88 16.66
C GLU A 352 8.70 -23.79 17.52
N VAL A 353 8.82 -22.53 17.09
CA VAL A 353 8.15 -21.44 17.79
C VAL A 353 7.26 -20.73 16.78
N GLY A 354 6.12 -21.34 16.44
CA GLY A 354 5.26 -20.76 15.42
C GLY A 354 4.75 -19.37 15.78
N THR A 355 4.40 -19.19 17.06
CA THR A 355 3.72 -17.96 17.50
C THR A 355 4.47 -16.72 17.03
N SER A 356 5.70 -16.54 17.53
CA SER A 356 6.47 -15.34 17.26
C SER A 356 7.18 -15.36 15.90
N HIS A 357 7.03 -16.44 15.12
CA HIS A 357 7.82 -16.52 13.90
C HIS A 357 7.19 -15.67 12.80
N PRO A 358 7.97 -14.80 12.14
CA PRO A 358 7.36 -13.82 11.22
C PRO A 358 6.69 -14.42 10.01
N LEU A 359 7.01 -15.67 9.63
CA LEU A 359 6.32 -16.31 8.51
C LEU A 359 5.21 -17.25 8.93
N TRP A 360 4.94 -17.39 10.22
CA TRP A 360 3.77 -18.13 10.64
C TRP A 360 2.46 -17.51 10.14
N PRO A 361 2.31 -16.18 10.14
CA PRO A 361 1.13 -15.55 9.58
C PRO A 361 0.99 -15.71 8.05
N LEU A 362 2.10 -15.68 7.32
CA LEU A 362 2.10 -15.67 5.82
C LEU A 362 2.24 -17.06 5.19
N MET A 363 2.27 -18.14 5.96
CA MET A 363 2.55 -19.47 5.35
C MET A 363 1.55 -19.86 4.28
N GLY A 364 0.27 -19.51 4.45
CA GLY A 364 -0.73 -19.86 3.46
C GLY A 364 -0.40 -19.32 2.08
N PHE A 365 0.09 -18.08 2.02
CA PHE A 365 0.47 -17.48 0.75
C PHE A 365 1.55 -18.32 0.07
N LEU A 366 2.67 -18.53 0.77
CA LEU A 366 3.82 -19.22 0.18
C LEU A 366 3.43 -20.58 -0.38
N ARG A 367 2.60 -21.33 0.36
CA ARG A 367 2.20 -22.65 -0.11
C ARG A 367 1.47 -22.56 -1.46
N ALA A 368 0.79 -21.44 -1.72
CA ALA A 368 0.14 -21.27 -3.01
C ALA A 368 1.14 -20.93 -4.10
N SER A 369 2.00 -19.95 -3.82
CA SER A 369 2.98 -19.51 -4.81
C SER A 369 3.99 -20.62 -5.09
N GLY A 370 4.56 -21.20 -4.05
CA GLY A 370 5.60 -22.20 -4.20
C GLY A 370 6.89 -21.75 -3.58
N GLY A 371 6.78 -21.04 -2.45
CA GLY A 371 7.94 -20.41 -1.84
C GLY A 371 8.55 -19.29 -2.66
N CYS A 372 7.81 -18.78 -3.63
CA CYS A 372 8.38 -17.90 -4.64
C CYS A 372 7.65 -16.57 -4.65
N LEU A 373 8.35 -15.52 -4.22
CA LEU A 373 7.95 -14.14 -4.41
C LEU A 373 7.87 -13.84 -5.91
N GLY A 374 7.29 -12.70 -6.25
CA GLY A 374 7.32 -12.33 -7.66
C GLY A 374 6.54 -13.26 -8.57
N VAL A 375 6.64 -12.98 -9.87
CA VAL A 375 5.63 -13.36 -10.85
C VAL A 375 6.31 -13.74 -12.16
N ALA A 376 5.75 -14.74 -12.83
CA ALA A 376 6.24 -15.12 -14.16
C ALA A 376 6.11 -13.95 -15.12
N PRO A 377 7.09 -13.75 -16.01
CA PRO A 377 6.98 -12.65 -16.98
C PRO A 377 5.96 -12.90 -18.08
N THR A 378 5.39 -14.10 -18.14
CA THR A 378 4.32 -14.43 -19.07
C THR A 378 2.94 -14.35 -18.42
N ASP A 379 2.87 -13.90 -17.17
CA ASP A 379 1.67 -13.84 -16.39
C ASP A 379 0.86 -12.60 -16.75
N PRO A 380 -0.46 -12.59 -16.53
CA PRO A 380 -1.28 -11.45 -16.96
C PRO A 380 -0.88 -10.09 -16.41
N LEU A 381 -0.21 -10.03 -15.25
CA LEU A 381 0.13 -8.75 -14.63
C LEU A 381 0.98 -7.88 -15.56
N PRO A 382 1.05 -6.56 -15.33
CA PRO A 382 1.70 -5.65 -16.29
C PRO A 382 3.23 -5.69 -16.23
N VAL A 383 3.80 -6.86 -16.50
CA VAL A 383 5.26 -6.97 -16.39
C VAL A 383 5.89 -6.10 -17.49
N PRO A 384 6.78 -5.17 -17.14
CA PRO A 384 7.38 -4.29 -18.15
C PRO A 384 8.29 -5.04 -19.11
N ILE A 385 7.91 -5.01 -20.40
CA ILE A 385 8.72 -5.59 -21.46
C ILE A 385 10.13 -5.02 -21.44
N TYR A 386 10.24 -3.72 -21.16
CA TYR A 386 11.51 -3.03 -21.00
C TYR A 386 11.38 -2.06 -19.84
N GLN A 387 12.46 -1.92 -19.07
CA GLN A 387 12.46 -1.05 -17.91
C GLN A 387 13.79 -0.30 -17.92
N PRO A 388 13.76 1.03 -17.81
CA PRO A 388 14.96 1.84 -18.00
C PRO A 388 16.07 1.45 -17.00
N PRO A 389 17.30 1.37 -17.49
CA PRO A 389 18.39 0.93 -16.61
C PRO A 389 18.57 1.76 -15.36
N SER A 390 18.31 3.07 -15.42
CA SER A 390 18.53 3.91 -14.24
C SER A 390 17.54 3.59 -13.13
N LEU A 391 16.33 3.16 -13.48
CA LEU A 391 15.33 2.87 -12.46
C LEU A 391 15.60 1.51 -11.86
N THR A 392 15.89 0.53 -12.71
CA THR A 392 16.40 -0.76 -12.27
C THR A 392 17.52 -0.56 -11.27
N ASN A 393 18.49 0.31 -11.57
CA ASN A 393 19.60 0.47 -10.65
C ASN A 393 19.18 1.10 -9.34
N MET A 394 18.25 2.05 -9.38
CA MET A 394 17.94 2.77 -8.15
C MET A 394 17.08 1.95 -7.19
N ILE A 395 16.26 1.03 -7.70
CA ILE A 395 15.60 0.10 -6.80
C ILE A 395 16.58 -0.94 -6.30
N ARG A 396 17.44 -1.48 -7.20
CA ARG A 396 18.53 -2.35 -6.75
C ARG A 396 19.28 -1.76 -5.58
N GLN A 397 19.62 -0.49 -5.62
CA GLN A 397 20.29 0.08 -4.47
C GLN A 397 19.33 0.20 -3.29
N ALA A 398 18.03 0.34 -3.54
CA ALA A 398 17.13 0.41 -2.40
C ALA A 398 17.10 -0.91 -1.64
N VAL A 399 17.08 -2.05 -2.34
CA VAL A 399 17.18 -3.33 -1.66
C VAL A 399 18.55 -3.52 -1.04
N VAL A 400 19.63 -3.18 -1.77
CA VAL A 400 20.96 -3.32 -1.19
C VAL A 400 21.05 -2.56 0.12
N ARG A 401 20.54 -1.33 0.14
CA ARG A 401 20.68 -0.54 1.35
C ARG A 401 19.82 -1.10 2.48
N ASN A 402 18.73 -1.79 2.14
CA ASN A 402 17.87 -2.36 3.17
C ASN A 402 18.46 -3.66 3.72
N ALA A 403 18.96 -4.52 2.83
CA ALA A 403 19.59 -5.76 3.29
C ALA A 403 20.84 -5.48 4.12
N GLU A 404 21.53 -4.36 3.85
CA GLU A 404 22.64 -3.92 4.70
C GLU A 404 22.15 -3.40 6.05
N TYR A 405 20.90 -2.92 6.13
CA TYR A 405 20.36 -2.48 7.41
C TYR A 405 20.06 -3.68 8.30
N LEU A 406 19.27 -4.63 7.80
CA LEU A 406 18.96 -5.81 8.58
C LEU A 406 20.24 -6.47 9.06
N ALA A 407 21.20 -6.69 8.15
CA ALA A 407 22.49 -7.23 8.53
C ALA A 407 23.17 -6.40 9.62
N SER A 408 22.86 -5.10 9.72
CA SER A 408 23.40 -4.28 10.79
C SER A 408 22.94 -4.80 12.14
N LEU A 409 21.66 -5.10 12.26
CA LEU A 409 21.07 -5.56 13.52
C LEU A 409 20.98 -7.08 13.60
N GLU A 410 21.38 -7.79 12.54
CA GLU A 410 21.31 -9.25 12.54
C GLU A 410 22.02 -9.85 13.75
N ASP A 411 23.19 -9.31 14.08
CA ASP A 411 24.08 -9.94 15.05
C ASP A 411 23.81 -9.39 16.45
N LEU A 412 22.63 -9.74 16.96
CA LEU A 412 22.18 -9.32 18.28
C LEU A 412 21.60 -10.50 19.06
#